data_5EPF
#
_entry.id   5EPF
#
_cell.length_a   55.620
_cell.length_b   72.140
_cell.length_c   40.170
_cell.angle_alpha   90.000
_cell.angle_beta   90.000
_cell.angle_gamma   90.000
#
_symmetry.space_group_name_H-M   'P 21 21 2'
#
loop_
_entity.id
_entity.type
_entity.pdbx_description
1 polymer Peroxiredoxin
2 non-polymer 'SULFATE ION'
3 non-polymer 1,2-ETHANEDIOL
4 water water
#
_entity_poly.entity_id   1
_entity_poly.type   'polypeptide(L)'
_entity_poly.pdbx_seq_one_letter_code
;MAHHHHHHMKTGDTVADFELPDQTGTPRRLSVLLSDGPVVLFFYPAAMTPGCTKEACHFRDLAKEFAEVRASRVGISTDP
VRKQAKFAEVRRFDYPLLSDAQGTVAAQFGVKRGLLGKLMPVKRTTFVIDTDRKVLDVISSEFSMDAHADKALATLRAIR
SG
;
_entity_poly.pdbx_strand_id   A
#
loop_
_chem_comp.id
_chem_comp.type
_chem_comp.name
_chem_comp.formula
EDO non-polymer 1,2-ETHANEDIOL 'C2 H6 O2'
SO4 non-polymer 'SULFATE ION' 'O4 S -2'
#
# COMPACT_ATOMS: atom_id res chain seq x y z
N HIS A 8 6.17 -10.48 12.43
CA HIS A 8 5.93 -10.10 11.04
C HIS A 8 4.56 -10.54 10.53
N MET A 9 3.83 -9.56 10.01
CA MET A 9 2.47 -9.77 9.53
C MET A 9 2.43 -10.81 8.41
N LYS A 10 1.53 -11.78 8.53
CA LYS A 10 1.42 -12.88 7.56
C LYS A 10 -0.04 -13.23 7.30
N THR A 11 -0.27 -13.99 6.23
CA THR A 11 -1.61 -14.43 5.88
C THR A 11 -2.30 -15.08 7.07
N GLY A 12 -3.55 -14.67 7.31
CA GLY A 12 -4.32 -15.16 8.44
C GLY A 12 -4.24 -14.30 9.69
N ASP A 13 -3.30 -13.34 9.76
CA ASP A 13 -3.26 -12.39 10.87
C ASP A 13 -4.35 -11.33 10.69
N THR A 14 -4.76 -10.72 11.79
CA THR A 14 -5.67 -9.57 11.79
C THR A 14 -4.85 -8.31 11.94
N VAL A 15 -5.04 -7.36 11.02
CA VAL A 15 -4.35 -6.08 11.04
C VAL A 15 -5.07 -5.13 11.97
N ALA A 16 -4.34 -4.41 12.82
CA ALA A 16 -4.95 -3.34 13.60
C ALA A 16 -5.32 -2.15 12.69
N ASP A 17 -6.43 -1.50 12.99
CA ASP A 17 -6.82 -0.30 12.27
C ASP A 17 -5.77 0.78 12.49
N PHE A 18 -5.65 1.69 11.52
CA PHE A 18 -4.69 2.79 11.62
C PHE A 18 -5.21 3.96 10.80
N GLU A 19 -4.59 5.13 11.03
CA GLU A 19 -4.89 6.37 10.32
CA GLU A 19 -4.90 6.38 10.33
C GLU A 19 -3.60 7.04 9.88
N LEU A 20 -3.58 7.51 8.64
CA LEU A 20 -2.46 8.28 8.10
C LEU A 20 -3.00 9.26 7.07
N PRO A 21 -2.29 10.37 6.82
CA PRO A 21 -2.74 11.30 5.77
C PRO A 21 -2.42 10.80 4.36
N ASP A 22 -3.34 11.09 3.43
CA ASP A 22 -3.13 10.82 2.02
C ASP A 22 -2.36 11.97 1.37
N GLN A 23 -2.28 11.97 0.04
CA GLN A 23 -1.48 12.95 -0.70
C GLN A 23 -2.06 14.35 -0.64
N THR A 24 -3.28 14.54 -0.14
CA THR A 24 -3.82 15.87 0.11
C THR A 24 -3.70 16.29 1.57
N GLY A 25 -3.06 15.47 2.40
CA GLY A 25 -3.02 15.75 3.81
C GLY A 25 -4.27 15.37 4.56
N THR A 26 -5.17 14.64 3.93
CA THR A 26 -6.44 14.29 4.58
C THR A 26 -6.29 12.97 5.30
N PRO A 27 -6.60 12.90 6.60
CA PRO A 27 -6.51 11.63 7.31
C PRO A 27 -7.39 10.57 6.67
N ARG A 28 -6.83 9.38 6.50
CA ARG A 28 -7.53 8.23 5.99
C ARG A 28 -7.39 7.09 6.99
N ARG A 29 -8.41 6.27 7.12
CA ARG A 29 -8.45 5.22 8.12
C ARG A 29 -8.65 3.88 7.43
N LEU A 30 -7.84 2.88 7.81
CA LEU A 30 -7.94 1.57 7.14
C LEU A 30 -9.38 1.04 7.15
N SER A 31 -10.05 1.10 8.29
CA SER A 31 -11.41 0.55 8.37
C SER A 31 -12.39 1.28 7.44
N VAL A 32 -12.17 2.57 7.18
CA VAL A 32 -13.00 3.28 6.22
C VAL A 32 -12.56 2.98 4.79
N LEU A 33 -11.25 2.85 4.55
CA LEU A 33 -10.78 2.43 3.23
C LEU A 33 -11.33 1.05 2.85
N LEU A 34 -11.59 0.19 3.83
CA LEU A 34 -12.14 -1.14 3.62
C LEU A 34 -13.65 -1.15 3.42
N SER A 35 -14.30 0.02 3.40
CA SER A 35 -15.77 0.10 3.40
C SER A 35 -16.39 -0.86 2.38
N ASP A 36 -15.89 -0.83 1.15
CA ASP A 36 -16.56 -1.47 0.03
CA ASP A 36 -16.58 -1.49 0.05
CA ASP A 36 -16.54 -1.44 0.00
C ASP A 36 -15.86 -2.72 -0.46
N GLY A 37 -14.78 -3.14 0.17
CA GLY A 37 -14.08 -4.32 -0.25
C GLY A 37 -12.65 -4.31 0.23
N PRO A 38 -11.93 -5.38 -0.09
CA PRO A 38 -10.52 -5.50 0.34
C PRO A 38 -9.68 -4.32 -0.12
N VAL A 39 -8.61 -4.08 0.63
CA VAL A 39 -7.59 -3.10 0.29
C VAL A 39 -6.28 -3.83 0.00
N VAL A 40 -5.63 -3.49 -1.10
CA VAL A 40 -4.28 -3.94 -1.41
C VAL A 40 -3.35 -2.81 -0.97
N LEU A 41 -2.66 -3.01 0.16
CA LEU A 41 -1.83 -1.99 0.80
C LEU A 41 -0.39 -2.30 0.42
N PHE A 42 0.20 -1.48 -0.44
CA PHE A 42 1.53 -1.78 -0.99
C PHE A 42 2.55 -0.79 -0.43
N PHE A 43 3.46 -1.31 0.40
CA PHE A 43 4.56 -0.51 0.95
C PHE A 43 5.67 -0.47 -0.09
N TYR A 44 6.15 0.73 -0.39
CA TYR A 44 7.27 0.88 -1.30
C TYR A 44 8.36 1.74 -0.66
N PRO A 45 9.63 1.47 -0.97
CA PRO A 45 10.71 2.19 -0.25
C PRO A 45 10.72 3.69 -0.48
N ALA A 46 10.55 4.13 -1.73
CA ALA A 46 10.83 5.52 -2.06
C ALA A 46 10.04 5.93 -3.27
N ALA A 47 9.12 6.87 -3.07
CA ALA A 47 8.39 7.47 -4.17
C ALA A 47 9.34 7.97 -5.25
N MET A 48 8.91 7.80 -6.50
N MET A 48 8.92 7.85 -6.50
CA MET A 48 9.49 8.36 -7.71
CA MET A 48 9.66 8.47 -7.62
C MET A 48 10.74 7.64 -8.20
C MET A 48 11.08 7.93 -7.77
N THR A 49 11.24 6.63 -7.50
CA THR A 49 12.40 5.89 -7.99
C THR A 49 11.92 4.95 -9.07
N PRO A 50 12.81 4.47 -9.96
CA PRO A 50 12.31 3.69 -11.12
C PRO A 50 11.56 2.42 -10.73
N GLY A 51 12.01 1.67 -9.73
CA GLY A 51 11.32 0.45 -9.37
C GLY A 51 9.97 0.72 -8.74
N CYS A 52 9.91 1.72 -7.87
CA CYS A 52 8.64 2.07 -7.24
CA CYS A 52 8.64 2.07 -7.25
C CYS A 52 7.67 2.66 -8.26
N THR A 53 8.19 3.46 -9.20
CA THR A 53 7.36 3.96 -10.28
C THR A 53 6.77 2.81 -11.11
N LYS A 54 7.59 1.80 -11.43
CA LYS A 54 7.08 0.66 -12.17
C LYS A 54 5.96 -0.05 -11.39
N GLU A 55 6.21 -0.32 -10.10
CA GLU A 55 5.22 -1.03 -9.28
C GLU A 55 3.91 -0.25 -9.20
N ALA A 56 4.01 1.05 -8.88
CA ALA A 56 2.83 1.86 -8.65
C ALA A 56 2.09 2.16 -9.96
N CYS A 57 2.82 2.33 -11.07
CA CYS A 57 2.15 2.51 -12.35
C CYS A 57 1.44 1.23 -12.80
N HIS A 58 1.96 0.06 -12.43
CA HIS A 58 1.25 -1.18 -12.75
C HIS A 58 -0.06 -1.25 -11.96
N PHE A 59 -0.04 -0.87 -10.67
CA PHE A 59 -1.29 -0.73 -9.93
C PHE A 59 -2.24 0.25 -10.60
N ARG A 60 -1.71 1.40 -11.05
CA ARG A 60 -2.53 2.40 -11.73
C ARG A 60 -3.20 1.78 -12.96
N ASP A 61 -2.42 1.07 -13.78
CA ASP A 61 -2.91 0.57 -15.05
C ASP A 61 -3.95 -0.52 -14.87
N LEU A 62 -4.01 -1.14 -13.69
CA LEU A 62 -4.97 -2.20 -13.41
C LEU A 62 -6.23 -1.69 -12.70
N ALA A 63 -6.54 -0.40 -12.84
CA ALA A 63 -7.71 0.18 -12.16
C ALA A 63 -8.99 -0.61 -12.42
N LYS A 64 -9.28 -0.91 -13.69
CA LYS A 64 -10.54 -1.57 -14.01
C LYS A 64 -10.60 -2.98 -13.43
N GLU A 65 -9.46 -3.69 -13.44
CA GLU A 65 -9.41 -5.05 -12.93
C GLU A 65 -9.64 -5.10 -11.41
N PHE A 66 -9.05 -4.16 -10.68
CA PHE A 66 -9.33 -4.10 -9.25
C PHE A 66 -10.77 -3.70 -8.98
N ALA A 67 -11.32 -2.80 -9.77
CA ALA A 67 -12.73 -2.45 -9.60
C ALA A 67 -13.63 -3.64 -9.86
N GLU A 68 -13.27 -4.51 -10.82
CA GLU A 68 -14.11 -5.67 -11.11
C GLU A 68 -14.23 -6.61 -9.93
N VAL A 69 -13.18 -6.72 -9.11
CA VAL A 69 -13.22 -7.57 -7.92
C VAL A 69 -13.59 -6.75 -6.70
N ARG A 70 -14.04 -5.51 -6.91
CA ARG A 70 -14.48 -4.63 -5.83
C ARG A 70 -13.44 -4.51 -4.74
N ALA A 71 -12.20 -4.22 -5.16
CA ALA A 71 -11.08 -4.06 -4.25
C ALA A 71 -10.40 -2.73 -4.58
N SER A 72 -9.74 -2.17 -3.58
N SER A 72 -9.70 -2.17 -3.61
CA SER A 72 -9.04 -0.90 -3.68
CA SER A 72 -9.02 -0.92 -3.84
C SER A 72 -7.53 -1.13 -3.67
C SER A 72 -7.54 -1.00 -3.49
N ARG A 73 -6.79 -0.11 -4.10
CA ARG A 73 -5.34 -0.06 -4.04
C ARG A 73 -4.96 1.14 -3.18
N VAL A 74 -3.98 0.97 -2.30
CA VAL A 74 -3.48 2.05 -1.44
C VAL A 74 -1.97 1.90 -1.33
N GLY A 75 -1.21 2.91 -1.81
CA GLY A 75 0.23 2.89 -1.63
C GLY A 75 0.61 3.51 -0.30
N ILE A 76 1.78 3.15 0.22
CA ILE A 76 2.22 3.67 1.51
C ILE A 76 3.75 3.64 1.56
N SER A 77 4.33 4.71 2.09
CA SER A 77 5.77 4.75 2.33
C SER A 77 6.03 5.77 3.42
N THR A 78 7.30 5.91 3.80
CA THR A 78 7.68 6.95 4.75
C THR A 78 7.89 8.32 4.10
N ASP A 79 7.67 8.45 2.79
CA ASP A 79 7.87 9.74 2.15
C ASP A 79 6.88 10.78 2.67
N PRO A 80 7.28 12.05 2.73
CA PRO A 80 6.36 13.11 3.18
CA PRO A 80 6.34 13.10 3.19
C PRO A 80 5.19 13.29 2.21
N VAL A 81 4.10 13.85 2.75
CA VAL A 81 2.91 14.13 1.94
C VAL A 81 3.26 14.89 0.67
N ARG A 82 4.13 15.90 0.77
CA ARG A 82 4.43 16.71 -0.40
CA ARG A 82 4.41 16.71 -0.41
C ARG A 82 5.08 15.90 -1.51
N LYS A 83 5.89 14.88 -1.16
CA LYS A 83 6.49 14.05 -2.18
C LYS A 83 5.49 13.05 -2.74
N GLN A 84 4.66 12.46 -1.87
CA GLN A 84 3.58 11.59 -2.35
C GLN A 84 2.68 12.36 -3.30
N ALA A 85 2.38 13.63 -2.98
CA ALA A 85 1.53 14.45 -3.84
C ALA A 85 2.12 14.58 -5.23
N LYS A 86 3.43 14.88 -5.31
CA LYS A 86 4.05 15.04 -6.63
C LYS A 86 4.09 13.72 -7.39
N PHE A 87 4.39 12.62 -6.71
CA PHE A 87 4.42 11.30 -7.35
C PHE A 87 3.06 10.99 -7.97
N ALA A 88 2.00 11.18 -7.19
CA ALA A 88 0.64 10.88 -7.69
C ALA A 88 0.21 11.82 -8.81
N GLU A 89 0.63 13.08 -8.74
CA GLU A 89 0.28 14.05 -9.78
C GLU A 89 1.00 13.72 -11.09
N VAL A 90 2.30 13.48 -11.02
CA VAL A 90 3.08 13.21 -12.22
C VAL A 90 2.65 11.91 -12.89
N ARG A 91 2.27 10.90 -12.10
CA ARG A 91 1.92 9.60 -12.63
C ARG A 91 0.41 9.41 -12.76
N ARG A 92 -0.37 10.43 -12.39
CA ARG A 92 -1.83 10.39 -12.53
C ARG A 92 -2.43 9.18 -11.81
N PHE A 93 -2.00 8.95 -10.57
CA PHE A 93 -2.55 7.85 -9.78
C PHE A 93 -3.98 8.14 -9.38
N ASP A 94 -4.84 7.14 -9.57
CA ASP A 94 -6.25 7.23 -9.22
C ASP A 94 -6.55 6.54 -7.90
N TYR A 95 -5.67 6.67 -6.91
CA TYR A 95 -5.82 5.98 -5.64
C TYR A 95 -4.99 6.71 -4.59
N PRO A 96 -5.21 6.41 -3.30
CA PRO A 96 -4.46 7.10 -2.25
C PRO A 96 -3.03 6.61 -2.09
N LEU A 97 -2.15 7.56 -1.79
CA LEU A 97 -0.80 7.30 -1.29
C LEU A 97 -0.74 7.85 0.13
N LEU A 98 -0.45 6.99 1.10
CA LEU A 98 -0.38 7.39 2.50
C LEU A 98 1.06 7.69 2.90
N SER A 99 1.21 8.71 3.74
CA SER A 99 2.52 9.09 4.27
C SER A 99 2.60 8.56 5.70
N ASP A 100 3.55 7.66 5.92
CA ASP A 100 3.83 7.04 7.22
C ASP A 100 5.11 7.68 7.75
N ALA A 101 5.02 8.97 8.14
CA ALA A 101 6.22 9.80 8.25
C ALA A 101 7.14 9.38 9.37
N GLN A 102 6.65 8.68 10.39
CA GLN A 102 7.50 8.14 11.45
C GLN A 102 7.68 6.63 11.36
N GLY A 103 7.16 5.98 10.32
CA GLY A 103 7.27 4.54 10.22
C GLY A 103 6.42 3.76 11.20
N THR A 104 5.43 4.41 11.83
CA THR A 104 4.61 3.74 12.85
C THR A 104 3.80 2.60 12.24
N VAL A 105 3.19 2.83 11.08
CA VAL A 105 2.40 1.77 10.46
C VAL A 105 3.31 0.70 9.88
N ALA A 106 4.44 1.12 9.30
CA ALA A 106 5.43 0.13 8.86
C ALA A 106 5.83 -0.79 9.99
N ALA A 107 6.07 -0.23 11.18
CA ALA A 107 6.41 -1.05 12.34
C ALA A 107 5.29 -2.02 12.69
N GLN A 108 4.04 -1.56 12.61
CA GLN A 108 2.91 -2.45 12.87
CA GLN A 108 2.90 -2.45 12.87
C GLN A 108 2.93 -3.65 11.93
N PHE A 109 3.31 -3.44 10.67
CA PHE A 109 3.34 -4.51 9.67
C PHE A 109 4.68 -5.25 9.64
N GLY A 110 5.66 -4.82 10.42
CA GLY A 110 6.95 -5.49 10.45
C GLY A 110 7.85 -5.19 9.27
N VAL A 111 7.67 -4.03 8.63
CA VAL A 111 8.44 -3.66 7.44
C VAL A 111 9.24 -2.39 7.65
N LYS A 112 9.31 -1.87 8.88
CA LYS A 112 10.07 -0.66 9.14
C LYS A 112 11.57 -0.96 9.14
N ARG A 113 12.37 0.00 8.66
CA ARG A 113 13.83 -0.07 8.71
C ARG A 113 14.38 1.23 9.26
N GLY A 114 15.48 1.12 10.00
CA GLY A 114 16.13 2.28 10.57
C GLY A 114 17.61 2.00 10.71
N LEU A 115 18.39 3.06 10.89
CA LEU A 115 19.83 2.95 11.07
C LEU A 115 20.22 3.98 12.12
N LEU A 116 20.59 3.51 13.31
CA LEU A 116 21.01 4.41 14.39
C LEU A 116 20.01 5.53 14.61
N GLY A 117 18.73 5.20 14.56
CA GLY A 117 17.66 6.13 14.81
C GLY A 117 17.14 6.88 13.60
N LYS A 118 17.89 6.89 12.50
CA LYS A 118 17.43 7.53 11.27
C LYS A 118 16.44 6.59 10.60
N LEU A 119 15.23 7.09 10.34
CA LEU A 119 14.24 6.28 9.65
C LEU A 119 14.71 6.04 8.23
N MET A 120 14.72 4.77 7.82
CA MET A 120 15.15 4.38 6.48
CA MET A 120 15.15 4.33 6.50
C MET A 120 13.94 3.95 5.66
N PRO A 121 14.12 3.78 4.33
CA PRO A 121 13.00 3.31 3.50
C PRO A 121 12.48 1.95 3.96
N VAL A 122 11.16 1.78 3.85
CA VAL A 122 10.55 0.51 4.25
C VAL A 122 11.00 -0.61 3.34
N LYS A 123 10.83 -1.84 3.81
CA LYS A 123 11.02 -3.02 2.98
C LYS A 123 9.80 -3.20 2.08
N ARG A 124 10.03 -3.36 0.78
CA ARG A 124 8.94 -3.43 -0.21
C ARG A 124 8.06 -4.66 0.01
N THR A 125 6.81 -4.47 0.38
CA THR A 125 5.93 -5.56 0.81
C THR A 125 4.50 -5.14 0.56
N THR A 126 3.68 -6.06 0.06
CA THR A 126 2.27 -5.80 -0.20
C THR A 126 1.40 -6.73 0.62
N PHE A 127 0.36 -6.15 1.23
CA PHE A 127 -0.60 -6.91 2.04
C PHE A 127 -1.97 -6.78 1.42
N VAL A 128 -2.60 -7.90 1.11
CA VAL A 128 -4.00 -7.90 0.67
C VAL A 128 -4.85 -8.08 1.92
N ILE A 129 -5.66 -7.08 2.26
CA ILE A 129 -6.38 -7.01 3.53
C ILE A 129 -7.87 -7.09 3.27
N ASP A 130 -8.55 -8.07 3.88
CA ASP A 130 -9.98 -8.22 3.68
C ASP A 130 -10.75 -7.22 4.55
N THR A 131 -12.07 -7.17 4.34
CA THR A 131 -12.90 -6.16 5.02
C THR A 131 -12.97 -6.36 6.52
N ASP A 132 -12.70 -7.58 7.00
CA ASP A 132 -12.61 -7.86 8.44
C ASP A 132 -11.20 -7.73 8.98
N ARG A 133 -10.29 -7.16 8.19
CA ARG A 133 -8.90 -6.90 8.55
C ARG A 133 -8.01 -8.14 8.56
N LYS A 134 -8.49 -9.28 8.07
CA LYS A 134 -7.62 -10.43 7.87
C LYS A 134 -6.68 -10.22 6.69
N VAL A 135 -5.43 -10.64 6.85
CA VAL A 135 -4.48 -10.67 5.74
C VAL A 135 -4.78 -11.87 4.84
N LEU A 136 -5.08 -11.61 3.56
CA LEU A 136 -5.38 -12.63 2.57
C LEU A 136 -4.15 -13.08 1.81
N ASP A 137 -3.14 -12.23 1.68
CA ASP A 137 -1.93 -12.56 0.93
C ASP A 137 -0.86 -11.54 1.28
N VAL A 138 0.40 -11.95 1.14
CA VAL A 138 1.56 -11.08 1.33
C VAL A 138 2.50 -11.32 0.15
N ILE A 139 2.93 -10.23 -0.50
CA ILE A 139 3.95 -10.28 -1.55
C ILE A 139 5.18 -9.57 -1.02
N SER A 140 6.29 -10.30 -0.88
CA SER A 140 7.46 -9.76 -0.20
C SER A 140 8.48 -9.16 -1.18
N SER A 141 9.62 -8.73 -0.63
CA SER A 141 10.51 -7.81 -1.33
C SER A 141 11.29 -8.46 -2.47
N GLU A 142 11.34 -9.79 -2.52
CA GLU A 142 12.12 -10.44 -3.57
C GLU A 142 11.33 -10.63 -4.86
N PHE A 143 10.03 -10.33 -4.86
CA PHE A 143 9.22 -10.50 -6.05
C PHE A 143 9.45 -9.37 -7.06
N SER A 144 9.08 -9.62 -8.32
CA SER A 144 9.18 -8.58 -9.34
C SER A 144 8.24 -7.42 -9.03
N MET A 145 8.49 -6.27 -9.68
CA MET A 145 7.66 -5.11 -9.42
C MET A 145 6.20 -5.35 -9.83
N ASP A 146 5.98 -6.03 -10.95
CA ASP A 146 4.61 -6.27 -11.42
C ASP A 146 3.90 -7.30 -10.56
N ALA A 147 4.66 -8.20 -9.92
CA ALA A 147 4.07 -9.31 -9.17
C ALA A 147 3.24 -8.80 -7.99
N HIS A 148 3.55 -7.63 -7.46
CA HIS A 148 2.76 -7.10 -6.35
C HIS A 148 1.29 -6.94 -6.75
N ALA A 149 1.02 -6.24 -7.85
CA ALA A 149 -0.36 -6.12 -8.28
C ALA A 149 -0.88 -7.42 -8.89
N ASP A 150 -0.04 -8.16 -9.61
CA ASP A 150 -0.52 -9.35 -10.30
C ASP A 150 -0.95 -10.42 -9.29
N LYS A 151 -0.12 -10.68 -8.28
CA LYS A 151 -0.47 -11.69 -7.29
C LYS A 151 -1.66 -11.25 -6.46
N ALA A 152 -1.72 -9.96 -6.11
CA ALA A 152 -2.86 -9.45 -5.36
C ALA A 152 -4.15 -9.64 -6.14
N LEU A 153 -4.12 -9.29 -7.44
CA LEU A 153 -5.31 -9.44 -8.26
C LEU A 153 -5.69 -10.91 -8.39
N ALA A 154 -4.70 -11.81 -8.57
CA ALA A 154 -5.04 -13.23 -8.68
C ALA A 154 -5.65 -13.77 -7.39
N THR A 155 -5.14 -13.34 -6.24
CA THR A 155 -5.73 -13.76 -4.97
C THR A 155 -7.17 -13.29 -4.86
N LEU A 156 -7.44 -12.04 -5.23
CA LEU A 156 -8.79 -11.51 -5.14
C LEU A 156 -9.73 -12.23 -6.12
N ARG A 157 -9.26 -12.52 -7.33
CA ARG A 157 -10.07 -13.29 -8.26
C ARG A 157 -10.36 -14.69 -7.71
N ALA A 158 -9.39 -15.29 -7.02
CA ALA A 158 -9.57 -16.64 -6.49
C ALA A 158 -10.67 -16.69 -5.44
N ILE A 159 -10.92 -15.60 -4.72
CA ILE A 159 -11.95 -15.60 -3.69
C ILE A 159 -13.28 -15.04 -4.16
N ARG A 160 -13.42 -14.74 -5.46
CA ARG A 160 -14.71 -14.29 -5.98
C ARG A 160 -15.81 -15.32 -5.70
N SER A 161 -17.06 -14.85 -5.71
CA SER A 161 -18.18 -15.73 -5.38
C SER A 161 -18.90 -16.29 -6.60
S SO4 B . 3.74 7.04 -17.54
O1 SO4 B . 3.54 7.52 -16.18
O2 SO4 B . 5.18 6.85 -17.81
O3 SO4 B . 3.05 5.75 -17.75
O4 SO4 B . 3.24 8.02 -18.50
S SO4 C . 14.92 -6.40 7.73
O1 SO4 C . 14.59 -4.98 7.63
O2 SO4 C . 15.71 -6.63 8.93
O3 SO4 C . 13.68 -7.19 7.78
O4 SO4 C . 15.70 -6.80 6.55
C1 EDO D . 4.13 17.60 4.45
O1 EDO D . 4.89 17.16 3.33
C2 EDO D . 3.36 18.87 4.08
O2 EDO D . 2.51 18.58 2.97
#